data_6A5W
#
_entry.id   6A5W
#
_cell.length_a   79.380
_cell.length_b   98.770
_cell.length_c   119.270
_cell.angle_alpha   90.000
_cell.angle_beta   90.000
_cell.angle_gamma   90.000
#
_symmetry.space_group_name_H-M   'P 21 21 21'
#
loop_
_entity.id
_entity.type
_entity.pdbx_description
1 polymer 'Bile acid receptor'
2 polymer 'Nuclear receptor coactivator 1'
3 non-polymer '2-[2-[[3-[2,6-bis(chloranyl)phenyl]-5-cyclopropyl-1,2-oxazol-4-yl]methoxy]-6-azaspiro[3.4]octan-6-yl]-1,3-benzothiazole-6-carboxylic acid'
4 water water
#
loop_
_entity_poly.entity_id
_entity_poly.type
_entity_poly.pdbx_seq_one_letter_code
_entity_poly.pdbx_strand_id
1 'polypeptide(L)'
;ELTPDQQTLLHFIMDSYNKQRMPQEITNKILKEEFSAEENFLILTEMATNHVQVLVEFTKKLPGFQTLDHEDQIALLKGS
AVEAMFLRSAEIFNKKLPSGHSDLLEERIRNSGISDEYITPMFSFYKSIGELKMTQEEYALLTAIVILSPDRQYIKDREA
VEKLQEPLLDVLQKLCKIHQPENPQHFAELLGRLTELRTFNHHHAEMLMSWRVNDHKFTPLLEEIWDV
;
A,C
2 'polypeptide(L)' DHQLLRYLLDKD B,D
#
# COMPACT_ATOMS: atom_id res chain seq x y z
N GLU A 1 30.37 21.18 9.40
CA GLU A 1 30.55 22.18 8.30
C GLU A 1 29.79 21.71 7.04
N LEU A 2 28.76 22.46 6.65
CA LEU A 2 28.06 22.26 5.35
C LEU A 2 28.88 22.85 4.20
N THR A 3 28.80 22.27 2.99
CA THR A 3 29.56 22.81 1.83
C THR A 3 28.93 24.16 1.39
N PRO A 4 29.54 24.86 0.40
CA PRO A 4 28.81 26.03 -0.15
C PRO A 4 27.58 25.63 -1.01
N ASP A 5 27.65 24.50 -1.71
CA ASP A 5 26.52 23.97 -2.50
C ASP A 5 25.34 23.48 -1.64
N GLN A 6 25.66 22.75 -0.56
CA GLN A 6 24.67 22.30 0.43
C GLN A 6 24.01 23.46 1.21
N GLN A 7 24.66 24.62 1.25
CA GLN A 7 24.07 25.85 1.82
C GLN A 7 23.16 26.53 0.78
N THR A 8 23.49 26.38 -0.50
CA THR A 8 22.65 26.86 -1.60
C THR A 8 21.38 26.02 -1.72
N LEU A 9 21.52 24.69 -1.53
CA LEU A 9 20.39 23.75 -1.62
C LEU A 9 19.40 23.99 -0.50
N LEU A 10 19.90 24.07 0.73
CA LEU A 10 19.04 24.27 1.89
C LEU A 10 18.32 25.61 1.89
N HIS A 11 18.93 26.66 1.33
CA HIS A 11 18.23 27.95 1.15
C HIS A 11 17.10 27.79 0.10
N PHE A 12 17.37 27.03 -0.99
CA PHE A 12 16.38 26.73 -2.07
C PHE A 12 15.12 26.01 -1.52
N ILE A 13 15.29 25.30 -0.40
CA ILE A 13 14.26 24.43 0.19
C ILE A 13 13.45 25.13 1.29
N MET A 14 14.12 25.78 2.24
CA MET A 14 13.42 26.57 3.28
C MET A 14 12.73 27.82 2.71
N ASP A 15 13.14 28.29 1.54
CA ASP A 15 12.40 29.33 0.83
C ASP A 15 11.15 28.69 0.27
N SER A 16 11.32 27.57 -0.43
CA SER A 16 10.21 26.76 -0.96
C SER A 16 9.18 26.40 0.13
N TYR A 17 9.68 25.93 1.27
CA TYR A 17 8.83 25.43 2.38
C TYR A 17 8.05 26.54 3.10
N ASN A 18 8.61 27.72 3.24
CA ASN A 18 7.96 28.82 3.99
C ASN A 18 6.94 29.64 3.22
N LYS A 19 6.78 29.37 1.92
CA LYS A 19 5.64 29.89 1.16
C LYS A 19 4.39 29.06 1.45
N GLN A 20 4.57 27.79 1.86
CA GLN A 20 3.44 26.90 2.30
C GLN A 20 2.58 27.67 3.34
N ARG A 21 1.37 28.04 2.94
CA ARG A 21 0.41 28.76 3.78
C ARG A 21 -0.95 28.07 3.69
N MET A 22 -1.71 28.10 4.77
CA MET A 22 -3.13 27.80 4.67
C MET A 22 -3.82 29.14 4.76
N PRO A 23 -4.68 29.47 3.77
CA PRO A 23 -5.33 30.78 3.85
C PRO A 23 -6.21 30.99 5.12
N GLN A 24 -6.42 32.24 5.53
CA GLN A 24 -7.30 32.51 6.65
C GLN A 24 -8.77 32.29 6.31
N GLU A 25 -9.15 32.55 5.06
CA GLU A 25 -10.44 32.08 4.57
C GLU A 25 -10.75 30.67 5.13
N ILE A 26 -9.73 29.82 5.24
CA ILE A 26 -9.90 28.45 5.75
C ILE A 26 -9.61 28.28 7.26
N THR A 27 -8.52 28.85 7.76
CA THR A 27 -8.21 28.69 9.20
C THR A 27 -9.27 29.29 10.10
N ASN A 28 -9.93 30.36 9.64
CA ASN A 28 -10.95 31.01 10.47
C ASN A 28 -12.16 30.11 10.71
N LYS A 29 -12.39 29.15 9.82
CA LYS A 29 -13.46 28.16 9.98
C LYS A 29 -13.30 27.23 11.17
N ILE A 30 -12.07 27.01 11.59
CA ILE A 30 -11.79 26.11 12.71
C ILE A 30 -12.62 26.57 13.92
N LEU A 31 -12.57 27.87 14.19
CA LEU A 31 -13.33 28.48 15.28
C LEU A 31 -14.71 28.97 14.89
N LYS A 32 -14.89 29.50 13.68
CA LYS A 32 -16.15 30.17 13.32
C LYS A 32 -17.32 29.24 13.06
N GLU A 33 -17.14 28.18 12.27
CA GLU A 33 -18.29 27.36 11.85
C GLU A 33 -18.88 26.48 12.96
N GLU A 34 -20.09 25.98 12.71
CA GLU A 34 -20.77 25.13 13.68
C GLU A 34 -19.98 23.83 13.84
N PHE A 35 -20.19 23.20 14.99
CA PHE A 35 -19.64 21.88 15.20
C PHE A 35 -20.68 20.83 14.92
N SER A 36 -20.64 20.31 13.70
CA SER A 36 -21.32 19.09 13.30
C SER A 36 -20.38 18.26 12.44
N ALA A 37 -20.71 16.98 12.25
CA ALA A 37 -19.81 16.11 11.50
C ALA A 37 -19.78 16.40 10.00
N GLU A 38 -20.94 16.77 9.44
CA GLU A 38 -20.97 17.18 8.04
C GLU A 38 -20.03 18.38 7.87
N GLU A 39 -20.15 19.37 8.77
CA GLU A 39 -19.38 20.60 8.63
C GLU A 39 -17.90 20.37 8.87
N ASN A 40 -17.58 19.48 9.79
CA ASN A 40 -16.19 19.16 10.08
C ASN A 40 -15.52 18.51 8.89
N PHE A 41 -16.21 17.54 8.27
CA PHE A 41 -15.70 16.85 7.10
C PHE A 41 -15.41 17.82 5.96
N LEU A 42 -16.33 18.76 5.76
CA LEU A 42 -16.19 19.79 4.76
C LEU A 42 -14.96 20.67 5.06
N ILE A 43 -14.81 21.14 6.30
CA ILE A 43 -13.65 21.96 6.67
C ILE A 43 -12.33 21.21 6.35
N LEU A 44 -12.28 19.93 6.67
CA LEU A 44 -11.12 19.14 6.30
C LEU A 44 -10.96 18.99 4.78
N THR A 45 -12.05 18.79 4.04
CA THR A 45 -11.95 18.69 2.59
C THR A 45 -11.30 19.95 1.95
N GLU A 46 -11.64 21.13 2.45
CA GLU A 46 -11.01 22.38 1.95
C GLU A 46 -9.53 22.44 2.31
N MET A 47 -9.28 22.12 3.57
CA MET A 47 -7.94 22.09 4.09
C MET A 47 -7.06 21.16 3.22
N ALA A 48 -7.54 19.95 2.94
CA ALA A 48 -6.86 18.98 2.07
C ALA A 48 -6.57 19.50 0.68
N THR A 49 -7.60 20.08 0.05
CA THR A 49 -7.47 20.51 -1.34
C THR A 49 -6.48 21.63 -1.41
N ASN A 50 -6.60 22.61 -0.52
CA ASN A 50 -5.66 23.71 -0.55
C ASN A 50 -4.24 23.22 -0.31
N HIS A 51 -4.05 22.31 0.64
CA HIS A 51 -2.71 21.80 0.91
C HIS A 51 -2.14 21.03 -0.27
N VAL A 52 -2.98 20.24 -0.96
CA VAL A 52 -2.48 19.48 -2.12
C VAL A 52 -1.94 20.39 -3.24
N GLN A 53 -2.56 21.56 -3.39
CA GLN A 53 -2.04 22.65 -4.25
C GLN A 53 -0.65 23.06 -3.81
N VAL A 54 -0.53 23.37 -2.52
CA VAL A 54 0.70 23.85 -1.93
C VAL A 54 1.82 22.80 -2.06
N LEU A 55 1.44 21.53 -1.97
CA LEU A 55 2.39 20.43 -2.06
C LEU A 55 2.93 20.25 -3.47
N VAL A 56 2.07 20.45 -4.45
CA VAL A 56 2.51 20.37 -5.83
C VAL A 56 3.39 21.57 -6.15
N GLU A 57 3.11 22.73 -5.56
CA GLU A 57 3.99 23.92 -5.69
C GLU A 57 5.36 23.67 -5.07
N PHE A 58 5.41 23.05 -3.92
CA PHE A 58 6.68 22.67 -3.31
C PHE A 58 7.51 21.66 -4.10
N THR A 59 6.81 20.65 -4.61
CA THR A 59 7.41 19.51 -5.29
C THR A 59 7.98 19.93 -6.61
N LYS A 60 7.19 20.70 -7.36
CA LYS A 60 7.60 21.35 -8.59
C LYS A 60 8.98 22.01 -8.46
N LYS A 61 9.19 22.72 -7.35
CA LYS A 61 10.39 23.55 -7.12
C LYS A 61 11.53 22.82 -6.43
N LEU A 62 11.44 21.50 -6.36
CA LEU A 62 12.54 20.72 -5.83
C LEU A 62 13.60 20.61 -6.94
N PRO A 63 14.89 20.73 -6.56
CA PRO A 63 16.05 20.60 -7.44
C PRO A 63 16.03 19.36 -8.31
N GLY A 64 15.78 19.56 -9.59
CA GLY A 64 15.85 18.48 -10.55
C GLY A 64 14.50 17.87 -10.85
N PHE A 65 13.46 18.24 -10.08
CA PHE A 65 12.17 17.63 -10.28
C PHE A 65 11.71 17.87 -11.71
N GLN A 66 11.85 19.11 -12.19
CA GLN A 66 11.36 19.50 -13.54
C GLN A 66 12.01 18.68 -14.66
N THR A 67 13.24 18.23 -14.43
CA THR A 67 14.00 17.43 -15.42
C THR A 67 13.49 16.00 -15.61
N LEU A 68 12.63 15.55 -14.69
CA LEU A 68 12.27 14.13 -14.60
C LEU A 68 11.26 13.69 -15.61
N ASP A 69 11.20 12.38 -15.85
CA ASP A 69 10.24 11.82 -16.78
C ASP A 69 8.83 12.19 -16.33
N HIS A 70 7.97 12.52 -17.27
CA HIS A 70 6.63 13.05 -16.95
C HIS A 70 5.70 12.04 -16.20
N GLU A 71 5.62 10.79 -16.66
CA GLU A 71 4.86 9.73 -15.96
C GLU A 71 5.40 9.43 -14.54
N ASP A 72 6.72 9.43 -14.38
CA ASP A 72 7.36 9.31 -13.07
C ASP A 72 7.02 10.46 -12.12
N GLN A 73 6.92 11.68 -12.62
CA GLN A 73 6.64 12.85 -11.78
C GLN A 73 5.30 12.70 -11.09
N ILE A 74 4.37 12.11 -11.82
CA ILE A 74 3.06 11.84 -11.31
C ILE A 74 3.10 10.70 -10.29
N ALA A 75 3.61 9.55 -10.67
CA ALA A 75 3.91 8.47 -9.70
C ALA A 75 4.54 8.93 -8.37
N LEU A 76 5.41 9.93 -8.44
CA LEU A 76 6.00 10.55 -7.24
C LEU A 76 5.01 11.34 -6.41
N LEU A 77 4.15 12.15 -7.03
CA LEU A 77 3.15 12.92 -6.28
C LEU A 77 2.14 12.03 -5.60
N LYS A 78 1.67 11.04 -6.34
CA LYS A 78 0.60 10.15 -5.93
C LYS A 78 1.09 9.21 -4.84
N GLY A 79 2.24 8.57 -5.06
CA GLY A 79 2.89 7.77 -4.00
C GLY A 79 3.26 8.54 -2.74
N SER A 80 3.63 9.82 -2.83
CA SER A 80 4.15 10.52 -1.66
C SER A 80 3.13 11.33 -0.90
N ALA A 81 1.98 11.57 -1.50
CA ALA A 81 1.05 12.54 -0.96
C ALA A 81 0.56 12.21 0.45
N VAL A 82 0.10 10.98 0.68
CA VAL A 82 -0.43 10.65 1.99
C VAL A 82 0.64 10.87 3.02
N GLU A 83 1.85 10.41 2.74
CA GLU A 83 2.95 10.59 3.71
C GLU A 83 3.27 12.07 3.95
N ALA A 84 3.41 12.83 2.88
CA ALA A 84 3.73 14.24 2.99
C ALA A 84 2.64 15.02 3.69
N MET A 85 1.40 14.56 3.56
CA MET A 85 0.25 15.17 4.22
C MET A 85 0.24 14.87 5.71
N PHE A 86 0.45 13.62 6.09
CA PHE A 86 0.47 13.29 7.54
C PHE A 86 1.68 13.90 8.26
N LEU A 87 2.80 14.05 7.56
CA LEU A 87 3.98 14.70 8.14
C LEU A 87 3.66 16.15 8.39
N ARG A 88 3.01 16.80 7.41
CA ARG A 88 2.63 18.19 7.59
C ARG A 88 1.71 18.32 8.81
N SER A 89 0.64 17.53 8.85
CA SER A 89 -0.30 17.67 9.98
C SER A 89 0.41 17.43 11.30
N ALA A 90 1.43 16.58 11.29
CA ALA A 90 2.24 16.38 12.49
C ALA A 90 3.01 17.65 12.88
N GLU A 91 3.58 18.37 11.92
CA GLU A 91 4.23 19.65 12.23
C GLU A 91 3.20 20.58 12.83
N ILE A 92 2.02 20.64 12.23
CA ILE A 92 0.96 21.55 12.65
C ILE A 92 0.46 21.26 14.08
N PHE A 93 0.36 20.00 14.45
CA PHE A 93 -0.15 19.66 15.78
C PHE A 93 0.90 19.84 16.88
N ASN A 94 2.18 19.96 16.53
CA ASN A 94 3.27 20.24 17.50
C ASN A 94 3.84 21.69 17.37
N LYS A 95 3.01 22.60 16.91
CA LYS A 95 3.42 23.96 16.60
C LYS A 95 2.44 24.87 17.33
N LYS A 96 2.88 26.05 17.77
CA LYS A 96 1.96 27.03 18.30
C LYS A 96 1.12 27.62 17.16
N LEU A 97 -0.20 27.46 17.29
CA LEU A 97 -1.20 28.02 16.37
C LEU A 97 -1.97 29.05 17.19
N PRO A 98 -2.76 29.92 16.55
CA PRO A 98 -3.59 30.87 17.31
C PRO A 98 -4.49 30.21 18.37
N SER A 99 -4.97 31.01 19.33
CA SER A 99 -5.74 30.50 20.49
C SER A 99 -6.91 29.62 20.06
N GLY A 100 -7.04 28.46 20.69
CA GLY A 100 -8.14 27.52 20.39
C GLY A 100 -8.06 26.63 19.16
N HIS A 101 -7.12 26.91 18.25
CA HIS A 101 -7.06 26.25 16.95
C HIS A 101 -6.62 24.81 17.12
N SER A 102 -5.49 24.61 17.81
CA SER A 102 -5.02 23.26 18.11
C SER A 102 -6.15 22.38 18.64
N ASP A 103 -6.84 22.89 19.64
CA ASP A 103 -7.85 22.09 20.35
C ASP A 103 -9.07 21.82 19.51
N LEU A 104 -9.59 22.84 18.85
CA LEU A 104 -10.83 22.63 18.12
C LEU A 104 -10.60 21.89 16.81
N LEU A 105 -9.43 22.05 16.20
CA LEU A 105 -9.11 21.30 14.99
C LEU A 105 -9.10 19.82 15.30
N GLU A 106 -8.50 19.51 16.45
CA GLU A 106 -8.44 18.15 16.92
C GLU A 106 -9.84 17.61 17.09
N GLU A 107 -10.70 18.38 17.76
CA GLU A 107 -12.07 17.92 18.00
C GLU A 107 -12.80 17.70 16.71
N ARG A 108 -12.56 18.55 15.73
CA ARG A 108 -13.19 18.39 14.43
C ARG A 108 -12.74 17.12 13.73
N ILE A 109 -11.45 16.83 13.73
CA ILE A 109 -10.94 15.58 13.15
C ILE A 109 -11.53 14.37 13.85
N ARG A 110 -11.63 14.50 15.16
CA ARG A 110 -12.23 13.44 15.98
C ARG A 110 -13.74 13.25 15.78
N ASN A 111 -14.43 14.21 15.18
CA ASN A 111 -15.84 14.01 14.78
C ASN A 111 -16.05 14.36 13.34
N SER A 112 -15.36 13.64 12.46
CA SER A 112 -15.46 13.88 11.00
C SER A 112 -15.76 12.60 10.22
N GLY A 113 -16.30 11.62 10.90
CA GLY A 113 -16.47 10.31 10.31
C GLY A 113 -15.24 9.45 10.16
N ILE A 114 -14.19 9.69 10.97
CA ILE A 114 -12.98 8.85 10.94
C ILE A 114 -13.06 7.87 12.10
N SER A 115 -13.06 6.58 11.81
CA SER A 115 -13.11 5.54 12.85
C SER A 115 -12.02 5.71 13.93
N ASP A 116 -12.29 5.24 15.14
CA ASP A 116 -11.24 5.25 16.19
C ASP A 116 -10.01 4.42 15.84
N GLU A 117 -10.19 3.32 15.12
CA GLU A 117 -9.07 2.54 14.58
C GLU A 117 -7.96 3.42 14.00
N TYR A 118 -8.34 4.51 13.35
CA TYR A 118 -7.41 5.35 12.61
C TYR A 118 -7.15 6.70 13.33
N ILE A 119 -8.07 7.15 14.17
CA ILE A 119 -7.83 8.34 14.98
C ILE A 119 -6.68 8.13 15.93
N THR A 120 -6.65 6.94 16.53
CA THR A 120 -5.63 6.63 17.52
C THR A 120 -4.20 6.67 16.95
N PRO A 121 -3.89 5.85 15.91
CA PRO A 121 -2.55 5.86 15.36
C PRO A 121 -2.15 7.22 14.93
N MET A 122 -3.12 7.98 14.43
CA MET A 122 -2.91 9.35 13.97
C MET A 122 -2.33 10.22 15.08
N PHE A 123 -2.99 10.27 16.23
CA PHE A 123 -2.54 11.17 17.29
C PHE A 123 -1.34 10.66 18.08
N SER A 124 -1.18 9.33 18.21
CA SER A 124 0.05 8.81 18.82
C SER A 124 1.27 9.00 17.89
N PHE A 125 1.05 9.08 16.57
CA PHE A 125 2.11 9.48 15.65
C PHE A 125 2.49 10.94 15.83
N TYR A 126 1.50 11.81 16.02
CA TYR A 126 1.78 13.23 16.29
C TYR A 126 2.54 13.43 17.61
N LYS A 127 2.24 12.60 18.59
CA LYS A 127 2.92 12.65 19.90
C LYS A 127 4.36 12.26 19.66
N SER A 128 4.52 11.13 19.00
CA SER A 128 5.82 10.57 18.66
C SER A 128 6.71 11.56 17.88
N ILE A 129 6.16 12.26 16.90
CA ILE A 129 6.89 13.28 16.14
C ILE A 129 7.23 14.48 17.03
N GLY A 130 6.32 14.80 17.95
CA GLY A 130 6.53 15.86 18.94
C GLY A 130 7.77 15.66 19.79
N GLU A 131 8.04 14.42 20.17
CA GLU A 131 9.18 14.11 21.05
C GLU A 131 10.54 14.23 20.41
N LEU A 132 10.67 14.08 19.09
CA LEU A 132 11.96 14.35 18.41
C LEU A 132 12.29 15.84 18.39
N LYS A 133 11.31 16.66 18.81
CA LYS A 133 11.47 18.09 19.04
C LYS A 133 12.12 18.71 17.78
N MET A 134 11.53 18.48 16.62
CA MET A 134 12.22 18.77 15.35
C MET A 134 12.25 20.27 15.06
N THR A 135 13.12 20.67 14.12
CA THR A 135 13.13 22.04 13.56
C THR A 135 12.49 22.10 12.17
N GLN A 136 12.08 23.30 11.77
CA GLN A 136 11.65 23.56 10.39
C GLN A 136 12.61 22.93 9.36
N GLU A 137 13.92 23.11 9.54
CA GLU A 137 14.93 22.47 8.69
C GLU A 137 14.63 21.00 8.42
N GLU A 138 14.41 20.26 9.50
CA GLU A 138 14.21 18.81 9.47
C GLU A 138 12.84 18.44 8.89
N TYR A 139 11.80 19.21 9.23
CA TYR A 139 10.51 19.02 8.59
C TYR A 139 10.64 19.18 7.07
N ALA A 140 11.27 20.28 6.65
CA ALA A 140 11.47 20.53 5.23
C ALA A 140 12.22 19.43 4.53
N LEU A 141 13.33 19.03 5.12
CA LEU A 141 14.14 18.03 4.48
C LEU A 141 13.47 16.64 4.43
N LEU A 142 12.91 16.20 5.56
CA LEU A 142 12.14 14.95 5.59
C LEU A 142 11.04 14.96 4.53
N THR A 143 10.28 16.05 4.46
CA THR A 143 9.22 16.17 3.49
C THR A 143 9.81 15.99 2.11
N ALA A 144 10.85 16.76 1.82
CA ALA A 144 11.52 16.66 0.51
C ALA A 144 11.96 15.24 0.21
N ILE A 145 12.53 14.56 1.22
CA ILE A 145 13.04 13.18 1.10
C ILE A 145 11.93 12.16 0.82
N VAL A 146 10.83 12.29 1.56
CA VAL A 146 9.65 11.48 1.39
C VAL A 146 9.10 11.58 -0.02
N ILE A 147 9.02 12.79 -0.56
CA ILE A 147 8.51 13.04 -1.92
C ILE A 147 9.35 12.35 -2.99
N LEU A 148 10.65 12.51 -2.84
CA LEU A 148 11.64 11.85 -3.70
C LEU A 148 12.04 10.43 -3.25
N SER A 149 11.16 9.66 -2.61
CA SER A 149 11.42 8.23 -2.48
C SER A 149 11.33 7.60 -3.85
N PRO A 150 12.40 6.90 -4.27
CA PRO A 150 12.45 6.22 -5.55
C PRO A 150 11.79 4.84 -5.58
N ASP A 151 11.37 4.31 -4.45
CA ASP A 151 10.86 2.94 -4.43
C ASP A 151 9.31 2.84 -4.42
N ARG A 152 8.63 3.90 -4.87
CA ARG A 152 7.15 3.89 -5.03
C ARG A 152 6.73 2.98 -6.16
N GLN A 153 5.46 2.64 -6.18
CA GLN A 153 4.90 1.87 -7.27
C GLN A 153 5.06 2.71 -8.50
N TYR A 154 4.96 2.06 -9.65
CA TYR A 154 4.95 2.71 -11.00
C TYR A 154 6.22 3.39 -11.53
N ILE A 155 7.19 3.72 -10.68
CA ILE A 155 8.33 4.50 -11.14
C ILE A 155 9.19 3.70 -12.12
N LYS A 156 9.54 4.35 -13.23
CA LYS A 156 10.30 3.70 -14.31
C LYS A 156 11.83 3.85 -14.13
N ASP A 157 12.29 5.05 -13.78
CA ASP A 157 13.72 5.32 -13.56
C ASP A 157 14.03 5.68 -12.09
N ARG A 158 14.35 4.62 -11.33
CA ARG A 158 14.68 4.76 -9.92
C ARG A 158 15.92 5.59 -9.72
N GLU A 159 16.94 5.33 -10.54
CA GLU A 159 18.27 5.96 -10.39
C GLU A 159 18.16 7.48 -10.48
N ALA A 160 17.44 7.95 -11.51
CA ALA A 160 17.12 9.36 -11.65
C ALA A 160 16.68 10.00 -10.36
N VAL A 161 15.74 9.34 -9.69
CA VAL A 161 15.16 9.88 -8.47
C VAL A 161 16.19 9.79 -7.34
N GLU A 162 16.85 8.63 -7.18
CA GLU A 162 17.98 8.49 -6.21
C GLU A 162 18.91 9.71 -6.26
N LYS A 163 19.29 10.09 -7.47
CA LYS A 163 20.24 11.17 -7.68
C LYS A 163 19.79 12.49 -7.08
N LEU A 164 18.47 12.74 -7.08
CA LEU A 164 17.90 13.95 -6.42
C LEU A 164 17.68 13.74 -4.91
N GLN A 165 17.40 12.50 -4.51
CA GLN A 165 17.14 12.19 -3.11
C GLN A 165 18.41 12.26 -2.27
N GLU A 166 19.45 11.55 -2.72
CA GLU A 166 20.68 11.34 -1.92
C GLU A 166 21.28 12.67 -1.39
N PRO A 167 21.41 13.71 -2.25
CA PRO A 167 21.87 15.04 -1.79
C PRO A 167 21.18 15.59 -0.54
N LEU A 168 19.88 15.32 -0.40
CA LEU A 168 19.06 15.80 0.72
C LEU A 168 19.26 14.97 1.94
N LEU A 169 19.41 13.67 1.75
CA LEU A 169 19.78 12.79 2.86
C LEU A 169 21.15 13.22 3.46
N ASP A 170 22.12 13.53 2.56
CA ASP A 170 23.45 14.03 2.97
C ASP A 170 23.36 15.28 3.83
N VAL A 171 22.57 16.25 3.40
CA VAL A 171 22.40 17.50 4.13
C VAL A 171 21.73 17.27 5.50
N LEU A 172 20.77 16.35 5.56
CA LEU A 172 20.08 16.05 6.83
C LEU A 172 20.96 15.29 7.83
N GLN A 173 21.80 14.37 7.35
CA GLN A 173 22.73 13.60 8.20
C GLN A 173 23.78 14.50 8.84
N LYS A 174 24.32 15.44 8.04
CA LYS A 174 25.27 16.44 8.52
C LYS A 174 24.65 17.46 9.45
N LEU A 175 23.38 17.83 9.22
CA LEU A 175 22.66 18.69 10.17
C LEU A 175 22.40 18.02 11.52
N CYS A 176 22.21 16.70 11.53
CA CYS A 176 21.99 15.96 12.79
C CYS A 176 23.26 15.89 13.67
N LYS A 177 24.44 15.79 13.04
CA LYS A 177 25.72 15.86 13.78
C LYS A 177 26.09 17.29 14.21
N ILE A 178 25.69 18.31 13.45
CA ILE A 178 25.80 19.71 13.90
C ILE A 178 24.81 19.98 15.07
N HIS A 179 23.55 20.35 14.78
CA HIS A 179 22.66 20.92 15.82
C HIS A 179 22.22 19.98 16.96
N GLN A 180 22.44 18.69 16.79
CA GLN A 180 22.23 17.69 17.85
C GLN A 180 23.56 16.97 18.12
N PRO A 181 24.56 17.72 18.66
CA PRO A 181 25.96 17.21 18.73
C PRO A 181 26.12 15.97 19.61
N GLU A 182 25.44 15.98 20.75
CA GLU A 182 25.54 14.94 21.78
C GLU A 182 24.67 13.70 21.53
N ASN A 183 24.11 13.54 20.32
CA ASN A 183 23.31 12.38 19.99
C ASN A 183 23.58 11.97 18.55
N PRO A 184 24.25 10.81 18.34
CA PRO A 184 24.45 10.30 16.98
C PRO A 184 23.23 9.53 16.44
N GLN A 185 22.21 9.33 17.28
CA GLN A 185 20.98 8.62 16.90
C GLN A 185 19.94 9.48 16.17
N HIS A 186 19.95 10.80 16.42
CA HIS A 186 18.92 11.72 15.90
C HIS A 186 18.49 11.44 14.46
N PHE A 187 19.46 11.26 13.56
CA PHE A 187 19.20 10.97 12.14
C PHE A 187 18.54 9.61 11.89
N ALA A 188 18.99 8.55 12.55
CA ALA A 188 18.36 7.23 12.37
C ALA A 188 17.04 7.15 13.16
N GLU A 189 16.88 8.04 14.15
CA GLU A 189 15.61 8.20 14.87
C GLU A 189 14.57 8.86 13.94
N LEU A 190 15.00 9.90 13.21
CA LEU A 190 14.16 10.51 12.19
C LEU A 190 13.74 9.48 11.16
N LEU A 191 14.71 8.83 10.55
CA LEU A 191 14.40 7.84 9.52
C LEU A 191 13.55 6.75 10.09
N GLY A 192 13.65 6.52 11.40
CA GLY A 192 12.79 5.58 12.10
C GLY A 192 11.33 5.93 12.05
N ARG A 193 11.03 7.22 12.20
CA ARG A 193 9.65 7.72 12.13
C ARG A 193 9.02 7.57 10.78
N LEU A 194 9.82 7.64 9.73
CA LEU A 194 9.29 7.37 8.40
C LEU A 194 8.66 6.00 8.28
N THR A 195 9.08 5.04 9.10
CA THR A 195 8.41 3.71 9.09
C THR A 195 6.98 3.79 9.59
N GLU A 196 6.83 4.51 10.71
CA GLU A 196 5.54 4.76 11.35
C GLU A 196 4.70 5.59 10.37
N LEU A 197 5.32 6.62 9.77
CA LEU A 197 4.68 7.46 8.76
C LEU A 197 4.14 6.65 7.62
N ARG A 198 4.88 5.64 7.18
CA ARG A 198 4.44 4.82 6.04
C ARG A 198 3.20 4.00 6.33
N THR A 199 2.85 3.81 7.59
CA THR A 199 1.61 3.08 7.95
C THR A 199 0.34 3.83 7.54
N PHE A 200 0.40 5.16 7.51
CA PHE A 200 -0.72 5.99 7.07
C PHE A 200 -1.15 5.77 5.61
N ASN A 201 -0.29 5.20 4.78
CA ASN A 201 -0.71 4.68 3.50
C ASN A 201 -1.84 3.66 3.62
N HIS A 202 -1.88 2.90 4.68
CA HIS A 202 -3.02 1.99 4.88
C HIS A 202 -4.17 2.68 5.61
N HIS A 203 -3.87 3.38 6.68
CA HIS A 203 -4.89 4.04 7.46
C HIS A 203 -5.68 4.98 6.55
N HIS A 204 -5.00 5.86 5.86
CA HIS A 204 -5.69 6.79 4.97
C HIS A 204 -6.55 6.11 3.86
N ALA A 205 -6.07 4.96 3.36
CA ALA A 205 -6.85 4.20 2.35
C ALA A 205 -8.20 3.71 2.92
N GLU A 206 -8.15 3.20 4.15
CA GLU A 206 -9.32 2.81 4.89
C GLU A 206 -10.18 4.07 5.22
N MET A 207 -9.54 5.17 5.60
CA MET A 207 -10.28 6.38 5.93
C MET A 207 -11.19 6.81 4.78
N LEU A 208 -10.64 6.72 3.58
CA LEU A 208 -11.37 6.98 2.35
C LEU A 208 -12.40 5.93 2.03
N MET A 209 -12.05 4.67 2.15
CA MET A 209 -13.02 3.61 1.83
C MET A 209 -14.29 3.79 2.63
N SER A 210 -14.10 4.19 3.88
CA SER A 210 -15.18 4.30 4.83
C SER A 210 -16.03 5.51 4.55
N TRP A 211 -15.34 6.63 4.33
CA TRP A 211 -15.96 7.85 3.87
C TRP A 211 -16.80 7.63 2.62
N ARG A 212 -16.27 6.89 1.64
CA ARG A 212 -16.96 6.67 0.35
C ARG A 212 -18.22 5.77 0.49
N VAL A 213 -18.22 4.75 1.33
CA VAL A 213 -19.44 3.90 1.48
C VAL A 213 -20.56 4.67 2.14
N ASN A 214 -20.25 5.78 2.80
CA ASN A 214 -21.24 6.68 3.36
C ASN A 214 -21.53 7.87 2.45
N ASP A 215 -21.38 7.66 1.14
CA ASP A 215 -21.63 8.68 0.11
C ASP A 215 -21.01 10.10 0.31
N HIS A 216 -19.87 10.22 0.99
CA HIS A 216 -19.15 11.50 1.09
C HIS A 216 -18.43 11.72 -0.23
N LYS A 217 -18.10 12.97 -0.47
CA LYS A 217 -17.58 13.40 -1.74
C LYS A 217 -16.38 14.31 -1.50
N PHE A 218 -15.41 14.25 -2.39
CA PHE A 218 -14.17 15.03 -2.28
C PHE A 218 -14.07 15.92 -3.46
N THR A 219 -13.26 16.97 -3.36
CA THR A 219 -12.94 17.75 -4.57
C THR A 219 -12.34 16.92 -5.73
N PRO A 220 -12.50 17.40 -7.00
CA PRO A 220 -11.85 16.71 -8.12
C PRO A 220 -10.31 16.69 -8.06
N LEU A 221 -9.65 17.65 -7.42
CA LEU A 221 -8.18 17.55 -7.20
C LEU A 221 -7.80 16.38 -6.26
N LEU A 222 -8.51 16.24 -5.14
CA LEU A 222 -8.28 15.17 -4.18
C LEU A 222 -8.58 13.85 -4.82
N GLU A 223 -9.64 13.78 -5.61
CA GLU A 223 -9.97 12.55 -6.31
C GLU A 223 -8.82 12.10 -7.18
N GLU A 224 -8.13 13.05 -7.81
CA GLU A 224 -7.02 12.73 -8.70
C GLU A 224 -5.78 12.21 -7.96
N ILE A 225 -5.29 12.98 -6.98
CA ILE A 225 -4.05 12.64 -6.31
C ILE A 225 -4.23 11.36 -5.51
N TRP A 226 -5.43 11.10 -4.98
CA TRP A 226 -5.71 9.89 -4.20
C TRP A 226 -6.31 8.67 -4.96
N ASP A 227 -6.39 8.58 -6.28
CA ASP A 227 -7.21 7.47 -6.87
C ASP A 227 -6.40 6.19 -7.04
N VAL A 228 -6.94 5.19 -7.75
CA VAL A 228 -6.41 3.80 -7.99
C VAL A 228 -5.16 3.36 -7.20
N ASP B 1 -6.60 9.62 -16.46
CA ASP B 1 -6.38 10.97 -17.05
C ASP B 1 -6.32 12.05 -15.94
N HIS B 2 -5.11 12.23 -15.39
CA HIS B 2 -4.88 13.11 -14.25
C HIS B 2 -4.51 14.49 -14.83
N GLN B 3 -5.51 15.15 -15.45
CA GLN B 3 -5.33 16.47 -16.07
C GLN B 3 -4.91 17.61 -15.11
N LEU B 4 -5.48 17.62 -13.90
CA LEU B 4 -5.22 18.71 -12.95
C LEU B 4 -3.79 18.70 -12.42
N LEU B 5 -3.25 17.50 -12.21
CA LEU B 5 -1.87 17.35 -11.72
C LEU B 5 -0.91 17.75 -12.81
N ARG B 6 -1.09 17.19 -14.00
CA ARG B 6 -0.35 17.68 -15.18
C ARG B 6 -0.38 19.20 -15.19
N TYR B 7 -1.57 19.80 -15.09
CA TYR B 7 -1.69 21.26 -15.16
C TYR B 7 -0.88 21.97 -14.09
N LEU B 8 -0.96 21.50 -12.85
CA LEU B 8 -0.27 22.17 -11.75
C LEU B 8 1.23 22.07 -11.89
N LEU B 9 1.72 20.98 -12.47
CA LEU B 9 3.16 20.82 -12.65
C LEU B 9 3.72 21.80 -13.70
N ASP B 10 3.07 21.88 -14.87
CA ASP B 10 3.49 22.80 -15.97
C ASP B 10 2.72 24.14 -15.91
N LYS B 11 3.36 25.20 -15.39
CA LYS B 11 2.60 26.43 -15.02
C LYS B 11 3.43 27.73 -14.96
N ASP B 12 4.47 27.77 -14.11
CA ASP B 12 5.40 28.92 -14.01
C ASP B 12 6.69 28.57 -13.24
N GLU C 1 -9.45 -20.13 -31.11
CA GLU C 1 -8.28 -20.99 -31.46
C GLU C 1 -7.03 -20.53 -30.70
N LEU C 2 -6.55 -21.34 -29.75
CA LEU C 2 -5.25 -21.10 -29.05
C LEU C 2 -4.09 -21.57 -29.94
N THR C 3 -2.92 -20.93 -29.88
CA THR C 3 -1.75 -21.38 -30.69
C THR C 3 -1.21 -22.73 -30.14
N PRO C 4 -0.21 -23.36 -30.81
CA PRO C 4 0.42 -24.52 -30.15
C PRO C 4 1.28 -24.16 -28.92
N ASP C 5 1.93 -23.00 -28.95
CA ASP C 5 2.72 -22.47 -27.81
C ASP C 5 1.86 -22.07 -26.61
N GLN C 6 0.75 -21.39 -26.86
CA GLN C 6 -0.24 -21.05 -25.82
C GLN C 6 -0.94 -22.26 -25.18
N GLN C 7 -0.95 -23.40 -25.89
CA GLN C 7 -1.43 -24.67 -25.34
C GLN C 7 -0.33 -25.34 -24.48
N THR C 8 0.93 -25.12 -24.85
CA THR C 8 2.09 -25.57 -24.07
C THR C 8 2.22 -24.78 -22.76
N LEU C 9 1.95 -23.46 -22.83
CA LEU C 9 2.04 -22.56 -21.67
C LEU C 9 0.96 -22.90 -20.65
N LEU C 10 -0.28 -23.04 -21.12
CA LEU C 10 -1.39 -23.34 -20.24
C LEU C 10 -1.29 -24.73 -19.58
N HIS C 11 -0.70 -25.71 -20.26
CA HIS C 11 -0.42 -27.02 -19.63
C HIS C 11 0.67 -26.84 -18.52
N PHE C 12 1.69 -26.02 -18.79
CA PHE C 12 2.78 -25.69 -17.83
C PHE C 12 2.26 -25.06 -16.52
N ILE C 13 1.11 -24.41 -16.61
CA ILE C 13 0.51 -23.64 -15.52
C ILE C 13 -0.52 -24.45 -14.70
N MET C 14 -1.46 -25.12 -15.38
CA MET C 14 -2.42 -26.01 -14.70
C MET C 14 -1.77 -27.25 -14.09
N ASP C 15 -0.58 -27.63 -14.56
CA ASP C 15 0.20 -28.67 -13.90
C ASP C 15 0.77 -28.07 -12.62
N SER C 16 1.41 -26.89 -12.77
CA SER C 16 1.92 -26.12 -11.63
C SER C 16 0.86 -25.86 -10.55
N TYR C 17 -0.33 -25.43 -10.98
CA TYR C 17 -1.43 -25.04 -10.07
C TYR C 17 -2.07 -26.22 -9.33
N ASN C 18 -2.16 -27.39 -9.95
CA ASN C 18 -2.83 -28.55 -9.33
C ASN C 18 -1.98 -29.38 -8.37
N LYS C 19 -0.69 -29.05 -8.24
CA LYS C 19 0.13 -29.58 -7.14
C LYS C 19 -0.18 -28.84 -5.83
N GLN C 20 -0.66 -27.57 -5.93
CA GLN C 20 -1.13 -26.78 -4.75
C GLN C 20 -2.10 -27.66 -3.91
N ARG C 21 -1.65 -28.07 -2.72
CA ARG C 21 -2.43 -28.88 -1.78
C ARG C 21 -2.34 -28.25 -0.39
N MET C 22 -3.38 -28.38 0.41
CA MET C 22 -3.24 -28.14 1.84
C MET C 22 -3.23 -29.51 2.50
N PRO C 23 -2.20 -29.83 3.29
CA PRO C 23 -2.18 -31.16 3.91
C PRO C 23 -3.40 -31.48 4.82
N GLN C 24 -3.72 -32.76 4.97
CA GLN C 24 -4.81 -33.14 5.86
C GLN C 24 -4.43 -33.00 7.32
N GLU C 25 -3.15 -33.21 7.65
CA GLU C 25 -2.63 -32.78 8.95
C GLU C 25 -3.26 -31.43 9.36
N ILE C 26 -3.47 -30.51 8.41
CA ILE C 26 -4.08 -29.20 8.68
C ILE C 26 -5.60 -29.14 8.46
N THR C 27 -6.12 -29.68 7.34
CA THR C 27 -7.56 -29.59 7.09
C THR C 27 -8.39 -30.31 8.14
N ASN C 28 -7.85 -31.40 8.70
CA ASN C 28 -8.61 -32.17 9.71
C ASN C 28 -8.83 -31.38 10.98
N LYS C 29 -7.99 -30.37 11.24
CA LYS C 29 -8.16 -29.48 12.39
C LYS C 29 -9.42 -28.62 12.34
N ILE C 30 -9.91 -28.34 11.14
CA ILE C 30 -11.02 -27.40 10.98
C ILE C 30 -12.20 -27.85 11.85
N LEU C 31 -12.52 -29.13 11.77
CA LEU C 31 -13.60 -29.73 12.56
C LEU C 31 -13.17 -30.30 13.92
N LYS C 32 -11.97 -30.86 14.00
CA LYS C 32 -11.56 -31.60 15.19
C LYS C 32 -11.15 -30.73 16.39
N GLU C 33 -10.31 -29.74 16.19
CA GLU C 33 -9.80 -28.95 17.33
C GLU C 33 -10.82 -28.04 18.01
N GLU C 34 -10.45 -27.57 19.20
CA GLU C 34 -11.29 -26.65 19.94
C GLU C 34 -11.40 -25.34 19.19
N PHE C 35 -12.48 -24.61 19.44
CA PHE C 35 -12.89 -23.46 18.66
C PHE C 35 -12.65 -22.17 19.38
N SER C 36 -11.69 -22.19 20.29
CA SER C 36 -11.22 -20.98 20.94
C SER C 36 -10.53 -20.06 19.94
N ALA C 37 -10.35 -18.81 20.34
CA ALA C 37 -9.71 -17.81 19.50
C ALA C 37 -8.20 -18.07 19.32
N GLU C 38 -7.55 -18.51 20.38
CA GLU C 38 -6.15 -18.90 20.28
C GLU C 38 -6.01 -19.97 19.24
N GLU C 39 -6.84 -20.99 19.34
CA GLU C 39 -6.72 -22.15 18.44
C GLU C 39 -7.10 -21.84 17.02
N ASN C 40 -8.07 -20.95 16.86
CA ASN C 40 -8.46 -20.51 15.53
C ASN C 40 -7.33 -19.77 14.82
N PHE C 41 -6.71 -18.85 15.54
CA PHE C 41 -5.62 -18.05 15.00
C PHE C 41 -4.45 -18.93 14.60
N LEU C 42 -4.16 -19.91 15.44
CA LEU C 42 -3.09 -20.87 15.16
C LEU C 42 -3.42 -21.70 13.92
N ILE C 43 -4.65 -22.24 13.80
CA ILE C 43 -5.00 -23.00 12.59
C ILE C 43 -4.81 -22.15 11.33
N LEU C 44 -5.20 -20.89 11.37
CA LEU C 44 -4.92 -19.98 10.25
C LEU C 44 -3.41 -19.75 10.05
N THR C 45 -2.63 -19.59 11.12
CA THR C 45 -1.19 -19.41 10.97
C THR C 45 -0.52 -20.59 10.22
N GLU C 46 -0.94 -21.83 10.51
CA GLU C 46 -0.43 -23.00 9.79
C GLU C 46 -0.84 -22.99 8.34
N MET C 47 -2.12 -22.71 8.15
CA MET C 47 -2.69 -22.62 6.83
C MET C 47 -1.92 -21.61 5.98
N ALA C 48 -1.67 -20.42 6.53
CA ALA C 48 -0.87 -19.38 5.88
C ALA C 48 0.54 -19.81 5.51
N THR C 49 1.23 -20.43 6.48
CA THR C 49 2.63 -20.79 6.27
C THR C 49 2.71 -21.84 5.21
N ASN C 50 1.86 -22.87 5.31
CA ASN C 50 1.86 -23.91 4.31
C ASN C 50 1.55 -23.37 2.94
N HIS C 51 0.56 -22.48 2.83
CA HIS C 51 0.23 -21.91 1.52
C HIS C 51 1.37 -21.06 0.97
N VAL C 52 2.04 -20.29 1.82
CA VAL C 52 3.16 -19.45 1.34
C VAL C 52 4.28 -20.28 0.72
N GLN C 53 4.51 -21.49 1.26
CA GLN C 53 5.39 -22.50 0.65
C GLN C 53 4.91 -22.84 -0.75
N VAL C 54 3.65 -23.21 -0.84
CA VAL C 54 3.04 -23.63 -2.08
C VAL C 54 3.09 -22.51 -3.14
N LEU C 55 2.95 -21.28 -2.68
CA LEU C 55 2.97 -20.12 -3.56
C LEU C 55 4.36 -19.83 -4.13
N VAL C 56 5.38 -20.05 -3.31
CA VAL C 56 6.72 -19.87 -3.78
C VAL C 56 7.07 -21.00 -4.76
N GLU C 57 6.53 -22.19 -4.53
CA GLU C 57 6.70 -23.32 -5.47
C GLU C 57 6.04 -23.04 -6.81
N PHE C 58 4.84 -22.46 -6.78
CA PHE C 58 4.15 -22.07 -8.02
C PHE C 58 4.87 -20.97 -8.81
N THR C 59 5.36 -19.97 -8.08
CA THR C 59 5.95 -18.77 -8.64
C THR C 59 7.27 -19.08 -9.28
N LYS C 60 8.07 -19.86 -8.55
CA LYS C 60 9.33 -20.42 -9.05
C LYS C 60 9.17 -21.02 -10.45
N LYS C 61 8.10 -21.79 -10.66
CA LYS C 61 7.86 -22.55 -11.89
C LYS C 61 7.07 -21.79 -12.96
N LEU C 62 6.96 -20.48 -12.81
CA LEU C 62 6.36 -19.67 -13.84
C LEU C 62 7.40 -19.47 -14.95
N PRO C 63 6.96 -19.54 -16.22
CA PRO C 63 7.77 -19.32 -17.40
C PRO C 63 8.61 -18.05 -17.37
N GLY C 64 9.91 -18.21 -17.17
CA GLY C 64 10.82 -17.08 -17.20
C GLY C 64 11.15 -16.54 -15.83
N PHE C 65 10.45 -17.01 -14.80
CA PHE C 65 10.66 -16.44 -13.48
C PHE C 65 12.11 -16.65 -13.06
N GLN C 66 12.62 -17.87 -13.27
CA GLN C 66 14.01 -18.22 -12.87
C GLN C 66 15.07 -17.33 -13.50
N THR C 67 14.78 -16.82 -14.71
CA THR C 67 15.71 -15.96 -15.45
C THR C 67 15.85 -14.55 -14.88
N LEU C 68 14.94 -14.17 -13.98
CA LEU C 68 14.80 -12.77 -13.58
C LEU C 68 15.83 -12.32 -12.57
N ASP C 69 15.99 -11.00 -12.48
CA ASP C 69 16.93 -10.43 -11.54
C ASP C 69 16.58 -10.89 -10.13
N HIS C 70 17.58 -11.22 -9.33
CA HIS C 70 17.33 -11.81 -8.00
C HIS C 70 16.59 -10.87 -7.01
N GLU C 71 17.00 -9.60 -6.90
CA GLU C 71 16.28 -8.61 -6.08
C GLU C 71 14.82 -8.39 -6.51
N ASP C 72 14.60 -8.33 -7.82
CA ASP C 72 13.24 -8.23 -8.39
C ASP C 72 12.37 -9.45 -8.06
N GLN C 73 12.94 -10.65 -8.05
CA GLN C 73 12.15 -11.87 -7.77
C GLN C 73 11.53 -11.82 -6.39
N ILE C 74 12.28 -11.24 -5.47
CA ILE C 74 11.81 -11.07 -4.13
C ILE C 74 10.74 -10.00 -4.07
N ALA C 75 11.06 -8.79 -4.54
CA ALA C 75 10.02 -7.75 -4.73
C ALA C 75 8.69 -8.24 -5.33
N LEU C 76 8.76 -9.19 -6.26
CA LEU C 76 7.56 -9.85 -6.81
C LEU C 76 6.80 -10.73 -5.83
N LEU C 77 7.49 -11.54 -5.04
CA LEU C 77 6.83 -12.39 -4.04
C LEU C 77 6.16 -11.58 -2.95
N LYS C 78 6.90 -10.58 -2.48
CA LYS C 78 6.49 -9.75 -1.38
C LYS C 78 5.34 -8.83 -1.76
N GLY C 79 5.47 -8.14 -2.89
CA GLY C 79 4.36 -7.39 -3.48
C GLY C 79 3.10 -8.19 -3.81
N SER C 80 3.23 -9.45 -4.21
CA SER C 80 2.06 -10.17 -4.71
C SER C 80 1.38 -11.05 -3.70
N ALA C 81 2.03 -11.30 -2.58
CA ALA C 81 1.58 -12.33 -1.66
C ALA C 81 0.15 -12.12 -1.13
N VAL C 82 -0.12 -10.92 -0.62
CA VAL C 82 -1.44 -10.70 -0.01
C VAL C 82 -2.49 -10.93 -1.06
N GLU C 83 -2.28 -10.39 -2.26
CA GLU C 83 -3.27 -10.56 -3.32
C GLU C 83 -3.45 -12.03 -3.73
N ALA C 84 -2.34 -12.73 -3.93
CA ALA C 84 -2.40 -14.12 -4.33
C ALA C 84 -3.03 -14.99 -3.27
N MET C 85 -2.87 -14.59 -2.00
CA MET C 85 -3.46 -15.30 -0.88
C MET C 85 -4.95 -15.07 -0.79
N PHE C 86 -5.42 -13.83 -0.92
CA PHE C 86 -6.87 -13.58 -0.88
C PHE C 86 -7.61 -14.16 -2.08
N LEU C 87 -6.94 -14.22 -3.24
CA LEU C 87 -7.54 -14.83 -4.44
C LEU C 87 -7.69 -16.32 -4.19
N ARG C 88 -6.66 -16.94 -3.61
CA ARG C 88 -6.74 -18.35 -3.29
C ARG C 88 -7.91 -18.60 -2.34
N SER C 89 -7.95 -17.88 -1.22
CA SER C 89 -9.03 -18.13 -0.25
C SER C 89 -10.38 -17.93 -0.91
N ALA C 90 -10.48 -17.01 -1.87
CA ALA C 90 -11.70 -16.85 -2.63
C ALA C 90 -12.06 -18.10 -3.45
N GLU C 91 -11.08 -18.74 -4.10
CA GLU C 91 -11.33 -20.00 -4.80
C GLU C 91 -11.84 -21.02 -3.80
N ILE C 92 -11.19 -21.09 -2.66
CA ILE C 92 -11.54 -22.08 -1.63
C ILE C 92 -12.95 -21.91 -1.06
N PHE C 93 -13.38 -20.67 -0.88
CA PHE C 93 -14.69 -20.44 -0.29
C PHE C 93 -15.83 -20.62 -1.30
N ASN C 94 -15.52 -20.67 -2.60
CA ASN C 94 -16.51 -20.95 -3.66
C ASN C 94 -16.33 -22.34 -4.33
N LYS C 95 -15.80 -23.28 -3.58
CA LYS C 95 -15.43 -24.58 -4.08
C LYS C 95 -16.10 -25.58 -3.14
N LYS C 96 -16.49 -26.75 -3.65
CA LYS C 96 -16.96 -27.80 -2.75
C LYS C 96 -15.76 -28.38 -2.01
N LEU C 97 -15.82 -28.31 -0.67
CA LEU C 97 -14.83 -28.88 0.25
C LEU C 97 -15.59 -29.97 1.02
N PRO C 98 -14.88 -30.84 1.76
CA PRO C 98 -15.59 -31.83 2.60
C PRO C 98 -16.65 -31.24 3.55
N SER C 99 -17.58 -32.08 4.02
CA SER C 99 -18.75 -31.61 4.82
C SER C 99 -18.27 -30.78 6.02
N GLY C 100 -18.91 -29.64 6.24
CA GLY C 100 -18.60 -28.76 7.39
C GLY C 100 -17.41 -27.80 7.27
N HIS C 101 -16.55 -27.99 6.28
CA HIS C 101 -15.27 -27.28 6.21
C HIS C 101 -15.49 -25.82 5.86
N SER C 102 -16.21 -25.58 4.75
CA SER C 102 -16.52 -24.21 4.37
C SER C 102 -17.10 -23.43 5.56
N ASP C 103 -18.10 -24.03 6.23
CA ASP C 103 -18.81 -23.32 7.29
C ASP C 103 -17.95 -23.05 8.50
N LEU C 104 -17.24 -24.07 8.97
CA LEU C 104 -16.51 -23.89 10.20
C LEU C 104 -15.23 -23.14 10.03
N LEU C 105 -14.64 -23.20 8.84
CA LEU C 105 -13.46 -22.39 8.57
C LEU C 105 -13.82 -20.92 8.68
N GLU C 106 -14.98 -20.61 8.11
CA GLU C 106 -15.50 -19.26 8.17
C GLU C 106 -15.70 -18.85 9.63
N GLU C 107 -16.31 -19.71 10.43
CA GLU C 107 -16.53 -19.41 11.84
C GLU C 107 -15.24 -19.16 12.58
N ARG C 108 -14.22 -19.93 12.24
CA ARG C 108 -12.90 -19.74 12.83
C ARG C 108 -12.30 -18.39 12.47
N ILE C 109 -12.36 -18.02 11.19
CA ILE C 109 -11.88 -16.71 10.75
C ILE C 109 -12.61 -15.58 11.45
N ARG C 110 -13.92 -15.80 11.60
CA ARG C 110 -14.77 -14.83 12.28
C ARG C 110 -14.51 -14.72 13.80
N ASN C 111 -13.84 -15.69 14.42
CA ASN C 111 -13.38 -15.53 15.78
C ASN C 111 -11.88 -15.80 15.92
N SER C 112 -11.09 -14.99 15.23
CA SER C 112 -9.62 -15.14 15.24
C SER C 112 -8.92 -13.79 15.51
N GLY C 113 -9.63 -12.85 16.12
CA GLY C 113 -9.07 -11.55 16.35
C GLY C 113 -9.02 -10.59 15.18
N ILE C 114 -9.84 -10.82 14.15
CA ILE C 114 -9.88 -9.92 12.99
C ILE C 114 -11.09 -9.01 13.15
N SER C 115 -10.87 -7.69 13.17
CA SER C 115 -11.98 -6.73 13.29
C SER C 115 -13.08 -6.92 12.23
N ASP C 116 -14.32 -6.54 12.54
CA ASP C 116 -15.39 -6.59 11.53
C ASP C 116 -15.15 -5.68 10.34
N GLU C 117 -14.50 -4.54 10.54
CA GLU C 117 -14.05 -3.69 9.44
C GLU C 117 -13.45 -4.48 8.26
N TYR C 118 -12.73 -5.55 8.58
CA TYR C 118 -12.00 -6.33 7.58
C TYR C 118 -12.65 -7.70 7.28
N ILE C 119 -13.42 -8.25 8.22
CA ILE C 119 -14.18 -9.46 7.97
C ILE C 119 -15.20 -9.24 6.86
N THR C 120 -15.86 -8.10 6.91
CA THR C 120 -16.92 -7.79 5.96
C THR C 120 -16.41 -7.72 4.50
N PRO C 121 -15.43 -6.83 4.20
CA PRO C 121 -14.94 -6.74 2.82
C PRO C 121 -14.47 -8.07 2.33
N MET C 122 -13.88 -8.85 3.26
CA MET C 122 -13.37 -10.18 2.95
C MET C 122 -14.46 -11.09 2.38
N PHE C 123 -15.58 -11.22 3.09
CA PHE C 123 -16.61 -12.14 2.64
C PHE C 123 -17.47 -11.63 1.48
N SER C 124 -17.68 -10.30 1.39
CA SER C 124 -18.35 -9.76 0.21
C SER C 124 -17.48 -9.84 -1.05
N PHE C 125 -16.14 -9.86 -0.90
CA PHE C 125 -15.25 -10.18 -2.01
C PHE C 125 -15.37 -11.63 -2.45
N TYR C 126 -15.46 -12.54 -1.50
CA TYR C 126 -15.65 -13.97 -1.84
C TYR C 126 -16.99 -14.22 -2.55
N LYS C 127 -18.03 -13.45 -2.17
CA LYS C 127 -19.34 -13.56 -2.81
C LYS C 127 -19.19 -13.09 -4.24
N SER C 128 -18.60 -11.90 -4.37
CA SER C 128 -18.36 -11.26 -5.64
C SER C 128 -17.56 -12.15 -6.63
N ILE C 129 -16.52 -12.84 -6.14
CA ILE C 129 -15.72 -13.77 -6.96
C ILE C 129 -16.56 -14.99 -7.32
N GLY C 130 -17.42 -15.41 -6.40
CA GLY C 130 -18.35 -16.52 -6.61
C GLY C 130 -19.25 -16.35 -7.82
N GLU C 131 -19.73 -15.11 -8.01
CA GLU C 131 -20.66 -14.81 -9.08
C GLU C 131 -20.06 -14.80 -10.48
N LEU C 132 -18.76 -14.55 -10.65
CA LEU C 132 -18.13 -14.70 -11.98
C LEU C 132 -18.01 -16.17 -12.39
N LYS C 133 -18.33 -17.07 -11.44
CA LYS C 133 -18.49 -18.50 -11.69
C LYS C 133 -17.24 -19.01 -12.42
N MET C 134 -16.06 -18.75 -11.85
CA MET C 134 -14.81 -18.92 -12.60
C MET C 134 -14.44 -20.40 -12.73
N THR C 135 -13.51 -20.71 -13.64
CA THR C 135 -12.90 -22.06 -13.74
C THR C 135 -11.48 -22.08 -13.18
N GLN C 136 -11.01 -23.28 -12.86
CA GLN C 136 -9.60 -23.48 -12.51
C GLN C 136 -8.65 -22.73 -13.45
N GLU C 137 -8.86 -22.85 -14.76
CA GLU C 137 -8.08 -22.11 -15.78
C GLU C 137 -7.88 -20.64 -15.40
N GLU C 138 -8.99 -19.99 -15.10
CA GLU C 138 -9.03 -18.55 -14.84
C GLU C 138 -8.43 -18.21 -13.47
N TYR C 139 -8.70 -19.05 -12.46
CA TYR C 139 -8.02 -18.88 -11.17
C TYR C 139 -6.50 -18.96 -11.37
N ALA C 140 -6.03 -19.99 -12.05
CA ALA C 140 -4.62 -20.15 -12.33
C ALA C 140 -4.02 -18.97 -13.05
N LEU C 141 -4.66 -18.56 -14.12
CA LEU C 141 -4.11 -17.47 -14.89
C LEU C 141 -4.10 -16.12 -14.13
N LEU C 142 -5.24 -15.78 -13.51
CA LEU C 142 -5.30 -14.57 -12.69
C LEU C 142 -4.21 -14.56 -11.62
N THR C 143 -4.07 -15.69 -10.93
CA THR C 143 -3.06 -15.80 -9.89
C THR C 143 -1.70 -15.53 -10.53
N ALA C 144 -1.42 -16.23 -11.62
CA ALA C 144 -0.14 -16.03 -12.33
C ALA C 144 0.08 -14.57 -12.70
N ILE C 145 -0.98 -13.93 -13.20
CA ILE C 145 -0.95 -12.50 -13.64
C ILE C 145 -0.69 -11.54 -12.48
N VAL C 146 -1.39 -11.78 -11.37
CA VAL C 146 -1.23 -11.02 -10.14
C VAL C 146 0.22 -11.06 -9.65
N ILE C 147 0.82 -12.26 -9.67
CA ILE C 147 2.22 -12.44 -9.20
C ILE C 147 3.22 -11.67 -10.05
N LEU C 148 3.03 -11.76 -11.36
CA LEU C 148 3.82 -11.00 -12.33
C LEU C 148 3.28 -9.60 -12.65
N SER C 149 2.64 -8.91 -11.70
CA SER C 149 2.43 -7.48 -11.87
C SER C 149 3.76 -6.77 -11.82
N PRO C 150 4.08 -5.99 -12.85
CA PRO C 150 5.32 -5.24 -12.93
C PRO C 150 5.32 -3.90 -12.21
N ASP C 151 4.18 -3.46 -11.71
CA ASP C 151 4.14 -2.11 -11.12
C ASP C 151 4.21 -2.10 -9.57
N ARG C 152 4.73 -3.18 -8.96
CA ARG C 152 4.98 -3.25 -7.51
C ARG C 152 6.08 -2.31 -7.09
N GLN C 153 6.14 -2.05 -5.80
CA GLN C 153 7.21 -1.25 -5.25
C GLN C 153 8.48 -2.01 -5.50
N TYR C 154 9.61 -1.31 -5.42
CA TYR C 154 10.98 -1.89 -5.48
C TYR C 154 11.49 -2.49 -6.82
N ILE C 155 10.61 -2.85 -7.76
CA ILE C 155 11.06 -3.54 -8.95
C ILE C 155 11.92 -2.63 -9.81
N LYS C 156 13.05 -3.17 -10.28
CA LYS C 156 14.03 -2.39 -11.05
C LYS C 156 13.77 -2.45 -12.57
N ASP C 157 13.50 -3.66 -13.08
CA ASP C 157 13.23 -3.85 -14.51
C ASP C 157 11.77 -4.29 -14.76
N ARG C 158 10.94 -3.27 -15.00
CA ARG C 158 9.52 -3.46 -15.29
C ARG C 158 9.32 -4.24 -16.55
N GLU C 159 10.09 -3.89 -17.59
CA GLU C 159 9.90 -4.47 -18.94
C GLU C 159 10.09 -5.99 -18.90
N ALA C 160 11.17 -6.43 -18.27
CA ALA C 160 11.41 -7.85 -18.03
C ALA C 160 10.16 -8.58 -17.53
N VAL C 161 9.50 -7.99 -16.54
CA VAL C 161 8.34 -8.61 -15.94
C VAL C 161 7.16 -8.54 -16.92
N GLU C 162 6.91 -7.36 -17.52
CA GLU C 162 5.88 -7.22 -18.60
C GLU C 162 5.94 -8.39 -19.59
N LYS C 163 7.18 -8.69 -20.05
CA LYS C 163 7.41 -9.71 -21.05
C LYS C 163 6.89 -11.06 -20.63
N LEU C 164 6.96 -11.37 -19.32
CA LEU C 164 6.40 -12.63 -18.79
C LEU C 164 4.89 -12.54 -18.51
N GLN C 165 4.43 -11.34 -18.16
CA GLN C 165 3.03 -11.14 -17.82
C GLN C 165 2.14 -11.19 -19.06
N GLU C 166 2.51 -10.41 -20.07
CA GLU C 166 1.65 -10.19 -21.25
C GLU C 166 1.18 -11.51 -21.92
N PRO C 167 2.08 -12.48 -22.13
CA PRO C 167 1.68 -13.82 -22.64
C PRO C 167 0.49 -14.48 -21.95
N LEU C 168 0.39 -14.28 -20.62
CA LEU C 168 -0.67 -14.86 -19.79
C LEU C 168 -1.95 -14.09 -19.90
N LEU C 169 -1.84 -12.76 -19.99
CA LEU C 169 -2.99 -11.94 -20.30
C LEU C 169 -3.61 -12.33 -21.66
N ASP C 170 -2.74 -12.54 -22.67
CA ASP C 170 -3.16 -12.99 -24.02
C ASP C 170 -3.97 -14.28 -23.97
N VAL C 171 -3.45 -15.27 -23.24
CA VAL C 171 -4.11 -16.56 -23.10
C VAL C 171 -5.46 -16.44 -22.39
N LEU C 172 -5.54 -15.57 -21.38
CA LEU C 172 -6.79 -15.37 -20.64
C LEU C 172 -7.87 -14.61 -21.45
N GLN C 173 -7.45 -13.63 -22.27
CA GLN C 173 -8.38 -12.88 -23.13
C GLN C 173 -9.01 -13.77 -24.21
N LYS C 174 -8.19 -14.63 -24.81
CA LYS C 174 -8.64 -15.62 -25.80
C LYS C 174 -9.51 -16.72 -25.18
N LEU C 175 -9.20 -17.12 -23.95
CA LEU C 175 -10.07 -18.06 -23.23
C LEU C 175 -11.45 -17.48 -22.89
N CYS C 176 -11.52 -16.17 -22.63
CA CYS C 176 -12.81 -15.51 -22.33
C CYS C 176 -13.74 -15.43 -23.56
N LYS C 177 -13.18 -15.25 -24.76
CA LYS C 177 -13.96 -15.29 -26.02
C LYS C 177 -14.35 -16.72 -26.45
N ILE C 178 -13.52 -17.72 -26.12
CA ILE C 178 -13.90 -19.13 -26.28
C ILE C 178 -15.01 -19.51 -25.25
N HIS C 179 -14.64 -19.92 -24.02
CA HIS C 179 -15.61 -20.62 -23.13
C HIS C 179 -16.76 -19.77 -22.58
N GLN C 180 -16.67 -18.44 -22.71
CA GLN C 180 -17.77 -17.53 -22.38
C GLN C 180 -18.15 -16.73 -23.65
N PRO C 181 -18.69 -17.44 -24.67
CA PRO C 181 -18.87 -16.85 -26.01
C PRO C 181 -19.83 -15.66 -26.05
N GLU C 182 -20.94 -15.80 -25.32
CA GLU C 182 -22.04 -14.82 -25.32
C GLU C 182 -21.83 -13.62 -24.37
N ASN C 183 -20.62 -13.42 -23.86
CA ASN C 183 -20.32 -12.26 -23.03
C ASN C 183 -18.93 -11.75 -23.36
N PRO C 184 -18.84 -10.55 -23.99
CA PRO C 184 -17.53 -9.94 -24.26
C PRO C 184 -16.93 -9.21 -23.03
N GLN C 185 -17.71 -9.10 -21.95
CA GLN C 185 -17.30 -8.45 -20.71
C GLN C 185 -16.48 -9.31 -19.77
N HIS C 186 -16.65 -10.65 -19.83
CA HIS C 186 -16.03 -11.58 -18.87
C HIS C 186 -14.59 -11.25 -18.51
N PHE C 187 -13.75 -10.97 -19.51
CA PHE C 187 -12.34 -10.62 -19.28
C PHE C 187 -12.12 -9.28 -18.56
N ALA C 188 -12.85 -8.23 -18.93
CA ALA C 188 -12.72 -6.95 -18.24
C ALA C 188 -13.45 -6.97 -16.90
N GLU C 189 -14.39 -7.92 -16.73
CA GLU C 189 -15.04 -8.18 -15.45
C GLU C 189 -14.05 -8.84 -14.49
N LEU C 190 -13.28 -9.81 -15.00
CA LEU C 190 -12.19 -10.41 -14.23
C LEU C 190 -11.22 -9.35 -13.80
N LEU C 191 -10.67 -8.61 -14.75
CA LEU C 191 -9.70 -7.59 -14.43
C LEU C 191 -10.29 -6.57 -13.49
N GLY C 192 -11.60 -6.41 -13.53
CA GLY C 192 -12.32 -5.55 -12.60
C GLY C 192 -12.20 -5.99 -11.16
N ARG C 193 -12.27 -7.30 -10.93
CA ARG C 193 -12.11 -7.86 -9.57
C ARG C 193 -10.75 -7.68 -9.00
N LEU C 194 -9.73 -7.65 -9.83
CA LEU C 194 -8.39 -7.34 -9.36
C LEU C 194 -8.33 -5.99 -8.65
N THR C 195 -9.20 -5.06 -8.99
CA THR C 195 -9.23 -3.78 -8.26
C THR C 195 -9.68 -3.94 -6.81
N GLU C 196 -10.76 -4.72 -6.66
CA GLU C 196 -11.34 -5.07 -5.37
C GLU C 196 -10.29 -5.89 -4.61
N LEU C 197 -9.67 -6.85 -5.29
CA LEU C 197 -8.58 -7.67 -4.73
C LEU C 197 -7.46 -6.81 -4.19
N ARG C 198 -7.10 -5.74 -4.89
CA ARG C 198 -5.99 -4.89 -4.47
C ARG C 198 -6.28 -4.14 -3.16
N THR C 199 -7.54 -4.04 -2.76
CA THR C 199 -7.89 -3.40 -1.48
C THR C 199 -7.38 -4.18 -0.26
N PHE C 200 -7.27 -5.50 -0.39
CA PHE C 200 -6.77 -6.34 0.67
C PHE C 200 -5.32 -6.09 1.06
N ASN C 201 -4.54 -5.43 0.20
CA ASN C 201 -3.28 -4.85 0.62
C ASN C 201 -3.41 -3.91 1.78
N HIS C 202 -4.50 -3.21 1.91
CA HIS C 202 -4.72 -2.36 3.09
C HIS C 202 -5.34 -3.12 4.24
N HIS C 203 -6.38 -3.89 3.95
CA HIS C 203 -7.06 -4.63 4.97
C HIS C 203 -6.06 -5.54 5.68
N HIS C 204 -5.34 -6.35 4.92
CA HIS C 204 -4.39 -7.26 5.53
C HIS C 204 -3.28 -6.57 6.36
N ALA C 205 -2.86 -5.38 5.93
CA ALA C 205 -1.86 -4.61 6.70
C ALA C 205 -2.38 -4.22 8.09
N GLU C 206 -3.63 -3.77 8.12
CA GLU C 206 -4.32 -3.47 9.36
C GLU C 206 -4.54 -4.78 10.15
N MET C 207 -4.92 -5.86 9.48
CA MET C 207 -5.16 -7.13 10.18
C MET C 207 -3.93 -7.55 11.00
N LEU C 208 -2.77 -7.38 10.40
CA LEU C 208 -1.50 -7.63 11.08
C LEU C 208 -1.18 -6.61 12.13
N MET C 209 -1.38 -5.34 11.86
CA MET C 209 -1.04 -4.30 12.87
C MET C 209 -1.76 -4.58 14.16
N SER C 210 -3.01 -5.03 14.00
CA SER C 210 -3.91 -5.23 15.11
C SER C 210 -3.54 -6.49 15.87
N TRP C 211 -3.31 -7.55 15.13
CA TRP C 211 -2.76 -8.79 15.65
C TRP C 211 -1.48 -8.55 16.45
N ARG C 212 -0.56 -7.73 15.92
CA ARG C 212 0.74 -7.51 16.55
C ARG C 212 0.64 -6.68 17.87
N VAL C 213 -0.26 -5.70 17.96
CA VAL C 213 -0.38 -4.94 19.24
C VAL C 213 -0.94 -5.83 20.35
N ASN C 214 -1.56 -6.95 20.00
CA ASN C 214 -2.03 -7.93 20.97
C ASN C 214 -1.05 -9.09 21.12
N ASP C 215 0.24 -8.81 20.90
CA ASP C 215 1.32 -9.79 21.00
C ASP C 215 1.15 -11.16 20.31
N HIS C 216 0.42 -11.24 19.20
CA HIS C 216 0.33 -12.49 18.42
C HIS C 216 1.61 -12.67 17.66
N LYS C 217 1.86 -13.90 17.28
CA LYS C 217 3.15 -14.28 16.73
C LYS C 217 2.86 -15.14 15.49
N PHE C 218 3.72 -14.96 14.50
CA PHE C 218 3.59 -15.67 13.22
C PHE C 218 4.81 -16.51 13.04
N THR C 219 4.73 -17.51 12.16
CA THR C 219 5.95 -18.20 11.75
C THR C 219 7.05 -17.28 11.17
N PRO C 220 8.33 -17.70 11.24
CA PRO C 220 9.40 -16.91 10.59
C PRO C 220 9.29 -16.78 9.06
N LEU C 221 8.65 -17.74 8.37
CA LEU C 221 8.37 -17.55 6.93
C LEU C 221 7.36 -16.43 6.65
N LEU C 222 6.27 -16.41 7.40
CA LEU C 222 5.23 -15.37 7.27
C LEU C 222 5.82 -14.05 7.63
N GLU C 223 6.65 -14.00 8.67
CA GLU C 223 7.28 -12.75 9.04
C GLU C 223 8.06 -12.16 7.89
N GLU C 224 8.73 -13.03 7.15
CA GLU C 224 9.55 -12.59 6.02
C GLU C 224 8.74 -12.08 4.81
N ILE C 225 7.81 -12.89 4.31
CA ILE C 225 7.07 -12.54 3.12
C ILE C 225 6.19 -11.35 3.37
N TRP C 226 5.68 -11.19 4.61
CA TRP C 226 4.86 -10.01 5.00
C TRP C 226 5.66 -8.79 5.52
N ASP C 227 6.67 -8.52 4.72
CA ASP C 227 7.09 -7.17 4.37
C ASP C 227 8.03 -6.63 5.45
N VAL C 228 8.60 -5.47 5.14
CA VAL C 228 8.93 -4.44 6.16
C VAL C 228 7.64 -3.59 6.26
N ASP D 1 18.14 -11.37 6.74
CA ASP D 1 17.76 -10.55 5.55
C ASP D 1 17.10 -11.43 4.48
N HIS D 2 15.80 -11.68 4.63
CA HIS D 2 15.00 -12.48 3.65
C HIS D 2 15.59 -13.87 3.21
N GLN D 3 16.27 -14.53 4.15
CA GLN D 3 16.99 -15.78 3.87
C GLN D 3 16.11 -16.99 3.45
N LEU D 4 14.94 -17.11 4.05
CA LEU D 4 14.05 -18.24 3.77
C LEU D 4 13.46 -18.20 2.37
N LEU D 5 13.13 -16.99 1.90
CA LEU D 5 12.60 -16.81 0.56
C LEU D 5 13.66 -17.09 -0.47
N ARG D 6 14.82 -16.45 -0.31
CA ARG D 6 15.99 -16.83 -1.10
C ARG D 6 16.11 -18.34 -1.16
N TYR D 7 16.11 -19.01 0.00
CA TYR D 7 16.27 -20.47 0.04
C TYR D 7 15.20 -21.21 -0.77
N LEU D 8 13.95 -20.82 -0.62
CA LEU D 8 12.86 -21.52 -1.30
C LEU D 8 12.91 -21.33 -2.80
N LEU D 9 13.42 -20.19 -3.25
CA LEU D 9 13.56 -19.96 -4.69
C LEU D 9 14.63 -20.85 -5.33
N ASP D 10 15.83 -20.91 -4.72
CA ASP D 10 16.97 -21.69 -5.24
C ASP D 10 17.02 -23.09 -4.56
N LYS D 11 16.56 -24.15 -5.22
CA LYS D 11 16.31 -25.43 -4.50
C LYS D 11 16.34 -26.72 -5.33
N ASP D 12 15.45 -26.85 -6.32
CA ASP D 12 15.19 -28.13 -7.03
C ASP D 12 14.80 -29.28 -6.09
#